data_4WX4
#
_entry.id   4WX4
#
_cell.length_a   41.454
_cell.length_b   42.790
_cell.length_c   59.059
_cell.angle_alpha   90.000
_cell.angle_beta   93.160
_cell.angle_gamma   90.000
#
_symmetry.space_group_name_H-M   'P 1 21 1'
#
loop_
_entity.id
_entity.type
_entity.pdbx_description
1 polymer Protease
2 polymer peptide
3 non-polymer N-[(2-cyanopyrimidin-4-yl)methyl]-3-[2-(3,5-dichlorophenyl)-2-methylpropanoyl]-4-methoxybenzamide
4 non-polymer '4-(2-HYDROXYETHYL)-1-PIPERAZINE ETHANESULFONIC ACID'
5 non-polymer GLYCINE
6 water water
#
loop_
_entity_poly.entity_id
_entity_poly.type
_entity_poly.pdbx_seq_one_letter_code
_entity_poly.pdbx_strand_id
1 'polypeptide(L)'
;MSGSSEQELAAIVRDLGCGPYFLGTHDKRFPGFLAGNKLACAIVNTAGRETGGVHWLAFGWNPRSRTCYMFDPFGFSDRR
LKQIYSFEYEAMLRRSALALSPDRCLSLEQSTQTVQGPDSAACGLFCCMFLHAFVHWPDRPMDGNPTMNLLTGVPNGMLQ
SPQVLPTLRRNQEKLYRFLAHHSPYFRSHRAAIEHATAFDKMKQL
;
A
2 'polypeptide(L)' VKSLKRRRCY C
#
# COMPACT_ATOMS: atom_id res chain seq x y z
N SER A 2 10.88 -5.68 -13.39
CA SER A 2 11.11 -6.05 -11.98
C SER A 2 9.82 -5.78 -11.20
N GLY A 3 9.44 -6.72 -10.37
CA GLY A 3 8.27 -6.56 -9.58
C GLY A 3 6.98 -6.70 -10.37
N SER A 4 5.89 -6.30 -9.88
CA SER A 4 4.54 -6.47 -10.44
C SER A 4 4.16 -5.34 -11.42
N SER A 5 3.55 -5.78 -12.53
CA SER A 5 2.97 -4.87 -13.54
C SER A 5 1.68 -4.28 -13.07
N GLU A 6 1.26 -3.21 -13.78
CA GLU A 6 0.00 -2.59 -13.47
C GLU A 6 -1.17 -3.53 -13.60
N GLN A 7 -1.13 -4.37 -14.64
CA GLN A 7 -2.24 -5.25 -14.87
C GLN A 7 -2.31 -6.40 -13.84
N GLU A 8 -1.13 -6.87 -13.42
CA GLU A 8 -1.09 -7.92 -12.35
C GLU A 8 -1.76 -7.39 -11.10
N LEU A 9 -1.36 -6.17 -10.71
CA LEU A 9 -1.93 -5.58 -9.47
C LEU A 9 -3.39 -5.36 -9.59
N ALA A 10 -3.84 -4.82 -10.73
CA ALA A 10 -5.29 -4.60 -10.88
C ALA A 10 -6.06 -5.91 -10.79
N ALA A 11 -5.54 -6.98 -11.42
CA ALA A 11 -6.24 -8.28 -11.40
C ALA A 11 -6.33 -8.80 -9.96
N ILE A 12 -5.23 -8.75 -9.23
CA ILE A 12 -5.21 -9.27 -7.89
C ILE A 12 -6.08 -8.44 -6.97
N VAL A 13 -6.02 -7.11 -7.05
CA VAL A 13 -6.88 -6.30 -6.17
C VAL A 13 -8.35 -6.59 -6.42
N ARG A 14 -8.72 -6.83 -7.69
CA ARG A 14 -10.11 -7.17 -7.91
CA ARG A 14 -10.11 -7.23 -8.05
C ARG A 14 -10.45 -8.57 -7.41
N ASP A 15 -9.53 -9.52 -7.47
CA ASP A 15 -9.77 -10.83 -6.83
C ASP A 15 -10.00 -10.67 -5.34
N LEU A 16 -9.36 -9.70 -4.72
CA LEU A 16 -9.43 -9.46 -3.28
C LEU A 16 -10.64 -8.65 -2.91
N GLY A 17 -11.56 -8.37 -3.83
CA GLY A 17 -12.82 -7.72 -3.51
C GLY A 17 -12.71 -6.20 -3.46
N CYS A 18 -11.64 -5.65 -4.03
CA CYS A 18 -11.46 -4.21 -3.97
C CYS A 18 -11.94 -3.49 -5.21
N GLY A 19 -12.38 -4.21 -6.24
CA GLY A 19 -12.74 -3.61 -7.52
C GLY A 19 -13.66 -2.41 -7.44
N PRO A 20 -14.74 -2.47 -6.66
CA PRO A 20 -15.68 -1.36 -6.62
C PRO A 20 -15.08 -0.05 -6.19
N TYR A 21 -14.01 -0.14 -5.40
CA TYR A 21 -13.41 0.95 -4.69
C TYR A 21 -12.14 1.45 -5.36
N PHE A 22 -11.63 0.67 -6.30
CA PHE A 22 -10.26 0.83 -6.79
C PHE A 22 -10.21 1.82 -7.94
N LEU A 23 -9.46 2.87 -7.75
CA LEU A 23 -9.31 3.94 -8.75
C LEU A 23 -8.27 3.58 -9.81
N GLY A 24 -7.56 2.48 -9.65
CA GLY A 24 -6.59 2.03 -10.62
C GLY A 24 -5.17 2.10 -10.12
N THR A 25 -4.30 1.45 -10.87
CA THR A 25 -2.89 1.50 -10.63
C THR A 25 -2.30 2.75 -11.29
N HIS A 26 -1.57 3.56 -10.55
CA HIS A 26 -1.08 4.85 -11.00
C HIS A 26 0.43 4.96 -10.82
N ASP A 27 1.03 5.86 -11.60
CA ASP A 27 2.33 6.40 -11.28
C ASP A 27 2.22 7.43 -10.15
N LYS A 28 3.33 8.13 -9.90
CA LYS A 28 3.40 9.01 -8.77
C LYS A 28 2.44 10.21 -8.83
N ARG A 29 1.85 10.47 -10.01
CA ARG A 29 0.98 11.62 -10.18
C ARG A 29 -0.49 11.34 -9.84
N PHE A 30 -0.80 10.19 -9.20
CA PHE A 30 -2.14 9.91 -8.70
C PHE A 30 -2.77 11.17 -8.14
N PRO A 31 -3.94 11.58 -8.66
CA PRO A 31 -4.44 12.90 -8.29
C PRO A 31 -5.15 13.00 -6.98
N GLY A 32 -5.58 11.87 -6.40
CA GLY A 32 -6.26 11.90 -5.10
C GLY A 32 -7.68 11.43 -5.18
N PHE A 33 -8.37 11.72 -4.08
CA PHE A 33 -9.76 11.32 -3.81
C PHE A 33 -10.60 12.57 -3.97
N LEU A 34 -11.36 12.62 -5.09
CA LEU A 34 -11.81 13.93 -5.64
C LEU A 34 -13.29 14.17 -5.64
N ALA A 35 -14.11 13.11 -5.48
CA ALA A 35 -15.55 13.29 -5.49
C ALA A 35 -16.21 12.11 -4.77
N GLY A 36 -17.40 12.41 -4.21
CA GLY A 36 -18.28 11.44 -3.61
C GLY A 36 -17.90 10.86 -2.32
N ASN A 37 -18.73 9.94 -1.81
CA ASN A 37 -18.68 9.41 -0.46
C ASN A 37 -18.52 7.87 -0.43
N LYS A 38 -17.93 7.28 -1.46
CA LYS A 38 -17.67 5.85 -1.45
C LYS A 38 -16.25 5.56 -0.97
N LEU A 39 -16.04 4.46 -0.24
CA LEU A 39 -14.73 3.99 0.05
C LEU A 39 -13.89 3.97 -1.22
N ALA A 40 -12.60 4.32 -1.13
CA ALA A 40 -11.78 4.40 -2.35
C ALA A 40 -10.37 4.01 -2.04
N CYS A 41 -9.66 3.53 -3.07
CA CYS A 41 -8.28 3.16 -2.90
C CYS A 41 -7.55 3.18 -4.23
N ALA A 42 -6.23 3.11 -4.16
CA ALA A 42 -5.38 3.13 -5.34
C ALA A 42 -4.05 2.48 -4.99
N ILE A 43 -3.33 2.00 -6.03
CA ILE A 43 -1.95 1.62 -5.90
C ILE A 43 -1.15 2.66 -6.69
N VAL A 44 -0.05 3.17 -6.11
CA VAL A 44 0.64 4.33 -6.62
C VAL A 44 2.11 4.10 -6.58
N ASN A 45 2.78 4.28 -7.73
CA ASN A 45 4.22 4.15 -7.78
C ASN A 45 4.90 5.39 -7.21
N THR A 46 6.12 5.20 -6.70
CA THR A 46 6.92 6.35 -6.29
C THR A 46 7.48 7.12 -7.49
N ALA A 47 7.50 6.53 -8.66
CA ALA A 47 8.12 7.13 -9.84
C ALA A 47 7.07 7.41 -10.92
N GLY A 48 7.49 8.18 -11.93
CA GLY A 48 6.64 8.42 -13.09
C GLY A 48 6.61 7.22 -14.03
N ARG A 49 5.49 7.13 -14.79
CA ARG A 49 5.32 6.00 -15.69
C ARG A 49 6.51 5.81 -16.65
N GLU A 50 7.04 6.97 -17.13
CA GLU A 50 8.10 6.97 -18.12
C GLU A 50 9.36 6.29 -17.63
N THR A 51 9.54 6.17 -16.32
CA THR A 51 10.73 5.55 -15.77
C THR A 51 10.75 4.04 -15.86
N GLY A 52 9.55 3.39 -16.03
CA GLY A 52 9.40 1.99 -15.87
C GLY A 52 9.01 1.53 -14.45
N GLY A 53 8.95 2.47 -13.52
CA GLY A 53 8.49 2.17 -12.17
C GLY A 53 9.63 1.80 -11.24
N VAL A 54 9.41 2.07 -9.95
CA VAL A 54 10.44 1.85 -8.91
C VAL A 54 9.88 1.13 -7.69
N HIS A 55 8.77 1.60 -7.11
CA HIS A 55 8.30 1.03 -5.85
C HIS A 55 6.82 1.30 -5.77
N TRP A 56 6.04 0.38 -5.22
CA TRP A 56 4.60 0.46 -5.12
C TRP A 56 4.18 0.78 -3.68
N LEU A 57 3.23 1.72 -3.58
CA LEU A 57 2.53 2.14 -2.36
C LEU A 57 1.03 1.94 -2.54
N ALA A 58 0.29 1.82 -1.43
CA ALA A 58 -1.15 1.81 -1.47
C ALA A 58 -1.71 3.01 -0.76
N PHE A 59 -2.82 3.55 -1.27
CA PHE A 59 -3.57 4.58 -0.61
C PHE A 59 -5.02 4.14 -0.44
N GLY A 60 -5.60 4.41 0.74
CA GLY A 60 -6.99 4.19 0.98
C GLY A 60 -7.64 5.46 1.51
N TRP A 61 -8.92 5.64 1.25
CA TRP A 61 -9.69 6.77 1.71
C TRP A 61 -10.99 6.29 2.34
N ASN A 62 -11.16 6.60 3.62
CA ASN A 62 -12.38 6.26 4.35
C ASN A 62 -13.17 7.53 4.51
N PRO A 63 -14.26 7.70 3.74
CA PRO A 63 -15.06 8.93 3.81
C PRO A 63 -15.74 9.14 5.18
N ARG A 64 -16.01 8.09 5.90
CA ARG A 64 -16.72 8.27 7.20
C ARG A 64 -15.86 9.08 8.16
N SER A 65 -14.63 8.70 8.28
CA SER A 65 -13.72 9.28 9.24
C SER A 65 -12.83 10.35 8.58
N ARG A 66 -12.92 10.54 7.29
CA ARG A 66 -11.99 11.42 6.54
C ARG A 66 -10.55 11.05 6.86
N THR A 67 -10.26 9.76 6.75
CA THR A 67 -8.92 9.27 6.96
C THR A 67 -8.37 8.72 5.68
N CYS A 68 -7.17 9.22 5.32
CA CYS A 68 -6.38 8.67 4.26
C CYS A 68 -5.30 7.78 4.84
N TYR A 69 -5.20 6.57 4.36
CA TYR A 69 -4.14 5.66 4.71
C TYR A 69 -3.13 5.66 3.60
N MET A 70 -1.84 5.80 3.91
CA MET A 70 -0.75 5.59 2.99
C MET A 70 0.03 4.41 3.50
N PHE A 71 0.06 3.31 2.76
CA PHE A 71 0.78 2.11 3.11
C PHE A 71 1.99 1.95 2.21
N ASP A 72 3.16 2.04 2.82
CA ASP A 72 4.43 1.72 2.23
C ASP A 72 4.82 0.36 2.81
N PRO A 73 5.02 -0.69 2.05
CA PRO A 73 5.49 -1.96 2.61
C PRO A 73 6.74 -1.84 3.47
N PHE A 74 7.60 -0.86 3.19
CA PHE A 74 8.81 -0.61 3.99
C PHE A 74 8.56 0.27 5.20
N GLY A 75 7.43 0.97 5.27
CA GLY A 75 7.17 1.86 6.40
C GLY A 75 8.07 3.06 6.50
N PHE A 76 8.52 3.63 5.38
CA PHE A 76 9.30 4.83 5.42
C PHE A 76 8.46 6.05 5.77
N SER A 77 9.08 6.99 6.48
CA SER A 77 8.47 8.26 6.73
C SER A 77 8.36 9.07 5.45
N ASP A 78 7.55 10.15 5.50
CA ASP A 78 7.44 11.01 4.33
C ASP A 78 8.78 11.59 3.94
N ARG A 79 9.58 12.01 4.94
CA ARG A 79 10.90 12.57 4.66
C ARG A 79 11.76 11.55 3.94
N ARG A 80 11.73 10.30 4.37
CA ARG A 80 12.53 9.26 3.72
C ARG A 80 11.98 8.86 2.36
N LEU A 81 10.67 8.86 2.15
CA LEU A 81 10.16 8.64 0.79
C LEU A 81 10.61 9.73 -0.15
N LYS A 82 10.65 10.97 0.32
CA LYS A 82 11.13 12.05 -0.52
C LYS A 82 12.65 11.86 -0.82
N GLN A 83 13.40 11.56 0.23
CA GLN A 83 14.87 11.43 0.04
C GLN A 83 15.21 10.25 -0.86
N ILE A 84 14.68 9.07 -0.53
CA ILE A 84 15.08 7.86 -1.24
C ILE A 84 14.47 7.75 -2.62
N TYR A 85 13.16 8.03 -2.68
CA TYR A 85 12.34 7.74 -3.85
C TYR A 85 11.93 8.97 -4.63
N SER A 86 12.35 10.19 -4.16
CA SER A 86 11.96 11.39 -4.82
C SER A 86 10.41 11.49 -4.95
N PHE A 87 9.71 11.01 -3.90
CA PHE A 87 8.27 10.91 -3.94
C PHE A 87 7.66 11.77 -2.83
N GLU A 88 6.75 12.65 -3.21
CA GLU A 88 5.96 13.44 -2.28
C GLU A 88 4.50 13.32 -2.65
N TYR A 89 3.63 13.43 -1.69
CA TYR A 89 2.17 13.24 -1.90
C TYR A 89 1.36 14.27 -1.14
N GLU A 90 2.00 15.34 -0.65
CA GLU A 90 1.26 16.42 -0.02
C GLU A 90 0.27 17.10 -0.97
N ALA A 91 0.65 17.23 -2.24
CA ALA A 91 -0.29 17.89 -3.18
C ALA A 91 -1.57 17.09 -3.35
N MET A 92 -1.42 15.77 -3.41
CA MET A 92 -2.60 14.86 -3.50
CA MET A 92 -2.55 14.85 -3.50
C MET A 92 -3.49 14.96 -2.28
N LEU A 93 -2.84 15.03 -1.11
CA LEU A 93 -3.65 15.15 0.16
C LEU A 93 -4.38 16.45 0.18
N ARG A 94 -3.70 17.55 -0.21
CA ARG A 94 -4.35 18.88 -0.23
CA ARG A 94 -4.35 18.88 -0.21
C ARG A 94 -5.53 18.86 -1.16
N ARG A 95 -5.26 18.32 -2.38
CA ARG A 95 -6.53 18.32 -3.35
CA ARG A 95 -6.45 18.29 -3.33
CA ARG A 95 -6.39 18.27 -3.33
C ARG A 95 -7.70 17.50 -2.79
N SER A 96 -7.36 16.35 -2.14
CA SER A 96 -8.38 15.51 -1.60
C SER A 96 -9.14 16.20 -0.46
N ALA A 97 -8.38 16.84 0.44
CA ALA A 97 -9.06 17.54 1.58
C ALA A 97 -9.93 18.67 1.07
N LEU A 98 -9.44 19.44 0.09
CA LEU A 98 -10.25 20.57 -0.40
C LEU A 98 -11.43 20.08 -1.18
N ALA A 99 -11.38 18.93 -1.79
CA ALA A 99 -12.51 18.39 -2.54
C ALA A 99 -13.56 17.77 -1.69
N LEU A 100 -13.17 17.09 -0.61
CA LEU A 100 -14.04 16.19 0.12
C LEU A 100 -14.35 16.58 1.53
N SER A 101 -13.57 17.41 2.16
CA SER A 101 -13.73 17.65 3.61
CA SER A 101 -13.74 17.64 3.58
C SER A 101 -14.29 19.03 3.82
N PRO A 102 -15.33 19.16 4.68
CA PRO A 102 -16.00 20.48 4.82
C PRO A 102 -15.08 21.50 5.58
N ASP A 103 -14.08 21.00 6.29
CA ASP A 103 -13.20 21.84 7.06
C ASP A 103 -11.78 21.91 6.44
N ARG A 104 -11.60 21.39 5.23
CA ARG A 104 -10.30 21.42 4.55
C ARG A 104 -9.21 20.61 5.31
N CYS A 105 -9.69 19.62 6.11
CA CYS A 105 -8.71 18.80 6.86
C CYS A 105 -9.02 17.33 6.61
N LEU A 106 -8.02 16.51 6.86
CA LEU A 106 -8.15 15.06 6.84
C LEU A 106 -7.16 14.50 7.85
N SER A 107 -7.28 13.21 8.17
CA SER A 107 -6.30 12.52 8.97
C SER A 107 -5.51 11.59 8.05
N LEU A 108 -4.19 11.54 8.25
CA LEU A 108 -3.29 10.71 7.46
C LEU A 108 -2.69 9.67 8.38
N GLU A 109 -2.92 8.41 8.13
CA GLU A 109 -2.32 7.30 8.90
C GLU A 109 -1.36 6.56 8.00
N GLN A 110 -0.17 6.29 8.53
CA GLN A 110 0.87 5.59 7.76
C GLN A 110 1.65 4.65 8.67
N SER A 111 2.27 3.64 8.11
CA SER A 111 3.07 2.67 8.84
C SER A 111 4.41 3.28 9.26
N THR A 112 4.93 2.74 10.36
CA THR A 112 6.30 3.01 10.80
C THR A 112 7.20 1.76 10.74
N GLN A 113 6.71 0.72 10.11
CA GLN A 113 7.40 -0.58 10.15
C GLN A 113 7.45 -1.21 8.75
N THR A 114 8.51 -1.99 8.52
CA THR A 114 8.58 -2.77 7.31
C THR A 114 7.95 -4.12 7.51
N VAL A 115 7.24 -4.61 6.49
CA VAL A 115 6.87 -6.02 6.36
C VAL A 115 7.72 -6.76 5.33
N GLN A 116 8.51 -5.99 4.55
CA GLN A 116 9.15 -6.49 3.36
C GLN A 116 10.66 -6.47 3.50
N GLY A 117 11.32 -7.50 2.98
CA GLY A 117 12.78 -7.56 2.93
C GLY A 117 13.33 -6.52 1.99
N PRO A 118 14.53 -6.06 2.28
CA PRO A 118 15.08 -4.96 1.54
C PRO A 118 15.35 -5.24 0.07
N ASP A 119 15.54 -6.48 -0.32
CA ASP A 119 15.83 -6.87 -1.70
C ASP A 119 14.64 -7.49 -2.38
N SER A 120 13.48 -7.48 -1.73
CA SER A 120 12.31 -8.17 -2.29
C SER A 120 11.66 -7.33 -3.38
N ALA A 121 11.06 -8.04 -4.35
CA ALA A 121 10.27 -7.43 -5.42
C ALA A 121 8.76 -7.56 -5.19
N ALA A 122 8.34 -7.82 -3.97
CA ALA A 122 6.95 -8.11 -3.66
C ALA A 122 6.12 -6.87 -3.22
N CYS A 123 6.68 -5.67 -3.32
CA CYS A 123 5.97 -4.51 -2.80
C CYS A 123 4.52 -4.39 -3.32
N GLY A 124 4.32 -4.59 -4.62
CA GLY A 124 2.94 -4.44 -5.13
C GLY A 124 1.99 -5.45 -4.55
N LEU A 125 2.49 -6.68 -4.33
CA LEU A 125 1.68 -7.72 -3.72
C LEU A 125 1.35 -7.40 -2.27
N PHE A 126 2.34 -6.89 -1.49
CA PHE A 126 2.01 -6.44 -0.17
C PHE A 126 0.98 -5.32 -0.17
N CYS A 127 1.06 -4.41 -1.16
CA CYS A 127 0.05 -3.39 -1.30
C CYS A 127 -1.35 -3.97 -1.50
N CYS A 128 -1.44 -5.02 -2.36
CA CYS A 128 -2.71 -5.67 -2.56
C CYS A 128 -3.26 -6.26 -1.23
N MET A 129 -2.39 -6.91 -0.47
CA MET A 129 -2.79 -7.51 0.80
C MET A 129 -3.29 -6.42 1.75
N PHE A 130 -2.58 -5.28 1.84
CA PHE A 130 -3.06 -4.15 2.65
C PHE A 130 -4.41 -3.69 2.18
N LEU A 131 -4.62 -3.59 0.85
CA LEU A 131 -5.92 -3.11 0.37
C LEU A 131 -7.06 -4.08 0.70
N HIS A 132 -6.78 -5.38 0.72
CA HIS A 132 -7.81 -6.32 1.22
C HIS A 132 -8.17 -5.97 2.65
N ALA A 133 -7.16 -5.72 3.49
CA ALA A 133 -7.43 -5.30 4.89
C ALA A 133 -8.25 -4.03 4.93
N PHE A 134 -7.87 -3.04 4.11
CA PHE A 134 -8.55 -1.75 4.09
C PHE A 134 -10.04 -1.89 3.68
N VAL A 135 -10.31 -2.60 2.59
CA VAL A 135 -11.70 -2.57 2.14
CA VAL A 135 -11.67 -2.69 2.07
C VAL A 135 -12.60 -3.40 3.06
N HIS A 136 -12.05 -4.37 3.79
CA HIS A 136 -12.86 -5.18 4.67
C HIS A 136 -12.91 -4.60 6.06
N TRP A 137 -11.91 -3.85 6.53
CA TRP A 137 -11.81 -3.26 7.85
C TRP A 137 -11.27 -1.81 7.74
N PRO A 138 -12.06 -0.90 7.13
CA PRO A 138 -11.52 0.42 6.77
C PRO A 138 -11.27 1.36 7.94
N ASP A 139 -11.72 0.98 9.14
CA ASP A 139 -11.39 1.81 10.32
C ASP A 139 -10.14 1.32 11.01
N ARG A 140 -9.57 0.18 10.63
CA ARG A 140 -8.39 -0.31 11.34
C ARG A 140 -7.59 -1.25 10.41
N PRO A 141 -7.09 -0.71 9.30
CA PRO A 141 -6.47 -1.58 8.32
C PRO A 141 -5.03 -2.00 8.64
N MET A 142 -4.29 -1.16 9.42
CA MET A 142 -2.83 -1.42 9.56
C MET A 142 -2.48 -2.62 10.42
N ASP A 143 -3.35 -2.90 11.40
CA ASP A 143 -3.08 -3.98 12.36
C ASP A 143 -4.38 -4.33 13.01
N GLY A 144 -4.41 -5.47 13.70
CA GLY A 144 -5.62 -5.78 14.45
C GLY A 144 -6.82 -6.13 13.55
N ASN A 145 -6.52 -6.89 12.47
CA ASN A 145 -7.58 -7.42 11.57
C ASN A 145 -7.04 -8.69 11.03
N PRO A 146 -7.93 -9.55 10.49
CA PRO A 146 -7.52 -10.89 10.12
C PRO A 146 -6.42 -10.94 9.02
N THR A 147 -6.41 -9.95 8.12
CA THR A 147 -5.41 -9.95 7.06
C THR A 147 -4.06 -9.49 7.57
N MET A 148 -3.98 -8.29 8.16
CA MET A 148 -2.69 -7.79 8.59
C MET A 148 -2.16 -8.50 9.81
N ASN A 149 -2.99 -9.20 10.57
CA ASN A 149 -2.48 -9.98 11.67
C ASN A 149 -1.56 -11.09 11.20
N LEU A 150 -1.64 -11.48 9.92
CA LEU A 150 -0.75 -12.53 9.40
C LEU A 150 0.70 -12.08 9.28
N LEU A 151 0.94 -10.74 9.22
CA LEU A 151 2.27 -10.23 9.00
C LEU A 151 2.85 -9.68 10.30
N THR A 152 4.16 -9.69 10.41
CA THR A 152 4.88 -9.14 11.57
C THR A 152 5.63 -7.90 11.13
N GLY A 153 5.26 -6.73 11.62
CA GLY A 153 6.00 -5.50 11.33
C GLY A 153 7.34 -5.50 12.13
N VAL A 154 8.34 -4.90 11.49
CA VAL A 154 9.66 -4.70 12.06
C VAL A 154 9.97 -3.20 12.00
N PRO A 155 10.57 -2.60 13.01
CA PRO A 155 10.85 -1.17 12.90
C PRO A 155 11.54 -0.80 11.58
N ASN A 156 11.11 0.29 10.95
CA ASN A 156 11.70 0.66 9.69
C ASN A 156 13.20 0.86 9.77
N GLY A 157 13.67 1.37 10.92
CA GLY A 157 15.10 1.59 11.09
C GLY A 157 15.94 0.32 11.09
N MET A 158 15.29 -0.85 11.19
CA MET A 158 15.98 -2.16 11.14
CA MET A 158 15.99 -2.14 11.17
C MET A 158 15.94 -2.80 9.75
N LEU A 159 15.42 -2.08 8.73
CA LEU A 159 15.23 -2.69 7.43
C LEU A 159 16.47 -3.41 6.87
N GLN A 160 17.66 -2.83 7.12
CA GLN A 160 18.87 -3.41 6.55
C GLN A 160 19.60 -4.34 7.51
N SER A 161 19.00 -4.67 8.64
CA SER A 161 19.70 -5.53 9.61
C SER A 161 19.60 -7.00 9.26
N PRO A 162 20.66 -7.78 9.42
CA PRO A 162 20.57 -9.20 9.22
C PRO A 162 19.63 -9.84 10.24
N GLN A 163 19.42 -9.23 11.39
CA GLN A 163 18.61 -9.84 12.43
C GLN A 163 17.14 -10.00 12.06
N VAL A 164 16.67 -9.23 11.08
CA VAL A 164 15.22 -9.25 10.73
C VAL A 164 14.95 -10.06 9.48
N LEU A 165 15.95 -10.59 8.82
CA LEU A 165 15.70 -11.31 7.58
C LEU A 165 14.79 -12.49 7.72
N PRO A 166 14.90 -13.33 8.73
CA PRO A 166 13.92 -14.41 8.88
C PRO A 166 12.49 -13.93 8.98
N THR A 167 12.25 -12.89 9.75
CA THR A 167 10.90 -12.37 9.93
C THR A 167 10.35 -11.87 8.60
N LEU A 168 11.15 -11.11 7.89
CA LEU A 168 10.68 -10.50 6.63
C LEU A 168 10.45 -11.55 5.57
N ARG A 169 11.27 -12.62 5.56
CA ARG A 169 11.02 -13.73 4.61
C ARG A 169 9.72 -14.47 5.01
N ARG A 170 9.53 -14.71 6.28
CA ARG A 170 8.28 -15.37 6.72
C ARG A 170 7.08 -14.52 6.29
N ASN A 171 7.17 -13.19 6.39
CA ASN A 171 6.07 -12.37 5.91
C ASN A 171 5.79 -12.64 4.43
N GLN A 172 6.83 -12.78 3.61
CA GLN A 172 6.61 -13.01 2.20
C GLN A 172 5.97 -14.36 1.95
N GLU A 173 6.38 -15.39 2.69
CA GLU A 173 5.76 -16.69 2.56
C GLU A 173 4.28 -16.63 2.97
N LYS A 174 3.96 -15.89 4.01
CA LYS A 174 2.59 -15.73 4.44
C LYS A 174 1.78 -14.92 3.39
N LEU A 175 2.40 -13.91 2.78
CA LEU A 175 1.78 -13.18 1.68
C LEU A 175 1.38 -14.11 0.54
N TYR A 176 2.30 -14.97 0.11
CA TYR A 176 1.96 -15.87 -0.99
C TYR A 176 0.86 -16.83 -0.62
N ARG A 177 0.88 -17.35 0.64
CA ARG A 177 -0.20 -18.26 1.02
CA ARG A 177 -0.19 -18.21 1.18
C ARG A 177 -1.52 -17.52 1.12
N PHE A 178 -1.52 -16.27 1.59
CA PHE A 178 -2.73 -15.46 1.63
C PHE A 178 -3.26 -15.28 0.20
N LEU A 179 -2.40 -14.88 -0.73
CA LEU A 179 -2.82 -14.68 -2.10
C LEU A 179 -3.32 -15.97 -2.75
N ALA A 180 -2.70 -17.10 -2.44
CA ALA A 180 -3.19 -18.35 -3.02
C ALA A 180 -4.60 -18.65 -2.49
N HIS A 181 -4.87 -18.34 -1.24
CA HIS A 181 -6.23 -18.60 -0.74
C HIS A 181 -7.25 -17.68 -1.38
N HIS A 182 -6.88 -16.45 -1.67
CA HIS A 182 -7.82 -15.41 -2.01
C HIS A 182 -7.91 -15.03 -3.48
N SER A 183 -6.97 -15.49 -4.31
CA SER A 183 -6.90 -14.95 -5.68
C SER A 183 -6.73 -16.05 -6.74
N PRO A 184 -7.76 -16.28 -7.57
CA PRO A 184 -7.58 -17.22 -8.69
C PRO A 184 -6.50 -16.74 -9.64
N TYR A 185 -6.32 -15.46 -9.87
CA TYR A 185 -5.24 -14.99 -10.76
C TYR A 185 -3.88 -15.44 -10.23
N PHE A 186 -3.68 -15.21 -8.92
CA PHE A 186 -2.41 -15.62 -8.31
C PHE A 186 -2.23 -17.15 -8.42
N ARG A 187 -3.29 -17.92 -8.09
CA ARG A 187 -3.17 -19.38 -8.20
C ARG A 187 -2.78 -19.81 -9.60
N SER A 188 -3.40 -19.20 -10.62
CA SER A 188 -3.14 -19.67 -11.96
CA SER A 188 -3.14 -19.56 -12.02
C SER A 188 -1.71 -19.36 -12.44
N HIS A 189 -1.11 -18.29 -11.91
CA HIS A 189 0.21 -17.82 -12.35
C HIS A 189 1.22 -17.90 -11.23
N ARG A 190 1.02 -18.79 -10.22
CA ARG A 190 1.71 -18.66 -8.96
C ARG A 190 3.25 -18.76 -9.13
N ALA A 191 3.74 -19.79 -9.79
CA ALA A 191 5.21 -19.93 -9.82
C ALA A 191 5.85 -18.74 -10.48
N ALA A 192 5.28 -18.27 -11.59
CA ALA A 192 5.83 -17.17 -12.27
C ALA A 192 5.83 -15.91 -11.43
N ILE A 193 4.71 -15.62 -10.75
CA ILE A 193 4.62 -14.43 -9.95
C ILE A 193 5.61 -14.52 -8.77
N GLU A 194 5.71 -15.67 -8.13
CA GLU A 194 6.65 -15.82 -7.02
C GLU A 194 8.09 -15.62 -7.48
N HIS A 195 8.46 -16.12 -8.67
CA HIS A 195 9.79 -15.85 -9.18
C HIS A 195 10.06 -14.40 -9.40
N ALA A 196 9.08 -13.71 -10.00
CA ALA A 196 9.24 -12.35 -10.40
C ALA A 196 9.31 -11.41 -9.20
N THR A 197 8.71 -11.81 -8.08
CA THR A 197 8.56 -10.95 -6.91
C THR A 197 9.42 -11.44 -5.75
N ALA A 198 10.41 -12.31 -6.01
CA ALA A 198 11.10 -13.05 -4.95
C ALA A 198 11.79 -12.16 -3.93
N PHE A 199 12.00 -12.75 -2.77
CA PHE A 199 12.54 -12.07 -1.61
C PHE A 199 13.93 -11.48 -1.86
N ASP A 200 14.75 -12.12 -2.69
CA ASP A 200 16.10 -11.63 -2.99
C ASP A 200 16.22 -11.12 -4.41
N LYS A 201 15.09 -10.83 -5.10
CA LYS A 201 15.14 -10.50 -6.50
C LYS A 201 16.08 -9.39 -6.85
N MET A 202 16.09 -8.42 -5.98
CA MET A 202 16.75 -7.20 -6.32
C MET A 202 18.29 -7.43 -5.96
N VAL B 1 1.32 -3.81 11.30
CA VAL B 1 2.30 -2.78 11.48
C VAL B 1 1.81 -1.72 12.43
N LYS B 2 2.75 -1.22 13.21
CA LYS B 2 2.55 0.00 13.95
C LYS B 2 2.39 1.19 12.98
N SER B 3 1.65 2.20 13.43
CA SER B 3 1.30 3.32 12.58
C SER B 3 1.15 4.57 13.38
N LEU B 4 1.15 5.70 12.66
CA LEU B 4 0.93 7.03 13.24
C LEU B 4 -0.17 7.68 12.43
N LYS B 5 -1.06 8.34 13.12
CA LYS B 5 -2.19 9.09 12.53
CA LYS B 5 -2.20 9.05 12.50
C LYS B 5 -2.13 10.57 12.92
N ARG B 6 -2.01 11.41 11.94
CA ARG B 6 -1.82 12.86 12.11
C ARG B 6 -2.91 13.58 11.40
N ARG B 7 -3.30 14.72 11.93
CA ARG B 7 -4.29 15.58 11.29
C ARG B 7 -3.59 16.58 10.41
N ARG B 8 -4.08 16.73 9.18
CA ARG B 8 -3.52 17.66 8.22
C ARG B 8 -4.62 18.58 7.73
N CYS B 9 -4.43 19.89 7.87
CA CYS B 9 -5.37 20.88 7.48
C CYS B 9 -4.74 21.81 6.41
N TYR B 10 -5.55 22.25 5.49
CA TYR B 10 -5.09 23.00 4.31
C TYR B 10 -5.88 24.22 4.05
#